data_4EAQ
#
_entry.id   4EAQ
#
_cell.length_a   48.207
_cell.length_b   62.704
_cell.length_c   73.806
_cell.angle_alpha   90.00
_cell.angle_beta   97.84
_cell.angle_gamma   90.00
#
_symmetry.space_group_name_H-M   'P 1 21 1'
#
loop_
_entity.id
_entity.type
_entity.pdbx_description
1 polymer 'Thymidylate kinase'
2 non-polymer "3'-AZIDO-3'-DEOXYTHYMIDINE-5'-MONOPHOSPHATE"
3 water water
#
_entity_poly.entity_id   1
_entity_poly.type   'polypeptide(L)'
_entity_poly.pdbx_seq_one_letter_code
;MHHHHHHSSGVDLGTENLYFQSNAMSAFITFEGPEGSGKTTVINEVYHRLVKDYDVIMTREPGGVPTGEEIRKIVLEGND
MDIRTEAMLFAASRREHLVLKVIPALKEGKVVLCDRYIDSSLAYQGYARGIGVEEVRALNEFAINGLYPDLTIYLNVSAE
VGRERIIKNSRDQNRLDQEDLKFHEKVIEGYQEIIHNESQRFKSVNADQPLENVVEDTYQTIIKYLEKI
;
_entity_poly.pdbx_strand_id   A,B
#
loop_
_chem_comp.id
_chem_comp.type
_chem_comp.name
_chem_comp.formula
ATM DNA linking 3'-AZIDO-3'-DEOXYTHYMIDINE-5'-MONOPHOSPHATE 'C10 H14 N5 O7 P'
#
# COMPACT_ATOMS: atom_id res chain seq x y z
N PHE A 20 24.71 3.06 -37.41
CA PHE A 20 25.03 4.37 -36.77
C PHE A 20 24.63 4.28 -35.30
N GLN A 21 23.59 5.01 -34.88
CA GLN A 21 23.12 4.94 -33.49
C GLN A 21 21.92 4.01 -33.53
N SER A 22 22.13 2.79 -33.03
CA SER A 22 21.10 1.76 -33.07
C SER A 22 19.88 1.98 -32.18
N ASN A 23 18.80 1.29 -32.51
CA ASN A 23 17.56 1.33 -31.74
C ASN A 23 17.76 0.56 -30.45
N ALA A 24 17.40 1.17 -29.32
CA ALA A 24 17.48 0.50 -28.02
C ALA A 24 16.19 -0.34 -27.80
N MET A 25 16.38 -1.62 -27.51
CA MET A 25 15.28 -2.57 -27.33
C MET A 25 15.11 -2.97 -25.86
N SER A 26 14.31 -2.19 -25.11
CA SER A 26 14.11 -2.44 -23.67
C SER A 26 13.21 -3.65 -23.42
N ALA A 27 13.38 -4.25 -22.25
CA ALA A 27 12.55 -5.40 -21.85
C ALA A 27 12.54 -5.52 -20.32
N PHE A 28 11.34 -5.69 -19.79
CA PHE A 28 11.08 -5.90 -18.34
C PHE A 28 10.81 -7.38 -18.12
N ILE A 29 11.82 -8.07 -17.65
CA ILE A 29 11.81 -9.51 -17.37
C ILE A 29 11.88 -9.80 -15.85
N THR A 30 10.85 -10.46 -15.35
CA THR A 30 10.80 -10.88 -13.97
C THR A 30 11.03 -12.38 -13.85
N PHE A 31 11.42 -12.73 -12.64
CA PHE A 31 11.72 -14.13 -12.26
C PHE A 31 10.95 -14.43 -10.96
N GLU A 32 10.28 -15.58 -10.99
CA GLU A 32 9.42 -16.01 -9.93
C GLU A 32 9.69 -17.49 -9.64
N GLY A 33 9.45 -17.87 -8.41
CA GLY A 33 9.66 -19.24 -8.00
C GLY A 33 9.64 -19.33 -6.48
N PRO A 34 9.37 -20.51 -5.97
CA PRO A 34 9.39 -20.62 -4.51
C PRO A 34 10.82 -20.77 -4.02
N GLU A 35 10.98 -21.00 -2.73
CA GLU A 35 12.32 -21.20 -2.13
C GLU A 35 12.83 -22.53 -2.64
N GLY A 36 14.13 -22.67 -2.83
CA GLY A 36 14.69 -23.90 -3.34
C GLY A 36 14.62 -24.09 -4.86
N SER A 37 14.22 -23.04 -5.59
CA SER A 37 14.08 -23.15 -7.04
C SER A 37 15.37 -22.79 -7.75
N GLY A 38 16.38 -22.31 -7.01
CA GLY A 38 17.65 -21.90 -7.57
C GLY A 38 17.61 -20.47 -8.18
N LYS A 39 16.52 -19.75 -7.96
CA LYS A 39 16.30 -18.40 -8.55
C LYS A 39 17.47 -17.44 -8.40
N THR A 40 18.02 -17.35 -7.21
CA THR A 40 19.15 -16.47 -6.98
C THR A 40 20.31 -16.76 -7.92
N THR A 41 20.79 -18.00 -7.95
CA THR A 41 21.90 -18.35 -8.83
C THR A 41 21.52 -18.21 -10.28
N VAL A 42 20.29 -18.54 -10.60
CA VAL A 42 19.84 -18.44 -11.97
C VAL A 42 19.89 -17.05 -12.54
N ILE A 43 19.29 -16.09 -11.82
N ILE A 43 19.30 -16.07 -11.84
CA ILE A 43 19.20 -14.71 -12.28
CA ILE A 43 19.31 -14.69 -12.32
C ILE A 43 20.61 -14.10 -12.40
C ILE A 43 20.71 -14.21 -12.50
N ASN A 44 21.50 -14.43 -11.47
CA ASN A 44 22.91 -14.00 -11.53
C ASN A 44 23.69 -14.55 -12.71
N GLU A 45 23.61 -15.86 -12.91
CA GLU A 45 24.34 -16.46 -14.04
C GLU A 45 23.79 -15.98 -15.39
N VAL A 46 22.46 -15.82 -15.49
CA VAL A 46 21.82 -15.31 -16.71
C VAL A 46 22.29 -13.87 -17.01
N TYR A 47 22.35 -13.04 -15.98
CA TYR A 47 22.79 -11.66 -16.09
C TYR A 47 24.16 -11.62 -16.73
N HIS A 48 25.10 -12.39 -16.16
CA HIS A 48 26.45 -12.39 -16.68
C HIS A 48 26.58 -12.91 -18.08
N ARG A 49 25.68 -13.79 -18.50
CA ARG A 49 25.74 -14.25 -19.89
C ARG A 49 25.14 -13.22 -20.86
N LEU A 50 24.10 -12.52 -20.42
CA LEU A 50 23.43 -11.52 -21.28
C LEU A 50 24.19 -10.22 -21.46
N VAL A 51 24.95 -9.81 -20.44
CA VAL A 51 25.73 -8.58 -20.47
C VAL A 51 26.68 -8.51 -21.65
N LYS A 52 26.99 -9.67 -22.21
CA LYS A 52 27.88 -9.72 -23.35
C LYS A 52 27.22 -9.14 -24.59
N ASP A 53 25.94 -9.40 -24.78
CA ASP A 53 25.19 -8.97 -25.95
C ASP A 53 24.17 -7.85 -25.80
N TYR A 54 23.80 -7.54 -24.57
CA TYR A 54 22.75 -6.57 -24.27
C TYR A 54 23.13 -5.61 -23.17
N ASP A 55 22.43 -4.47 -23.16
CA ASP A 55 22.57 -3.45 -22.13
C ASP A 55 21.56 -3.93 -21.07
N VAL A 56 22.08 -4.47 -19.98
CA VAL A 56 21.21 -5.12 -18.99
C VAL A 56 21.54 -4.74 -17.57
N ILE A 57 20.50 -4.71 -16.74
CA ILE A 57 20.64 -4.49 -15.34
C ILE A 57 19.87 -5.60 -14.61
N MET A 58 20.35 -5.95 -13.43
CA MET A 58 19.77 -6.97 -12.54
C MET A 58 19.31 -6.18 -11.30
N THR A 59 18.08 -6.35 -10.88
CA THR A 59 17.56 -5.69 -9.69
C THR A 59 16.59 -6.62 -8.92
N ARG A 60 16.27 -6.16 -7.72
CA ARG A 60 15.30 -6.80 -6.82
C ARG A 60 14.74 -5.72 -5.92
N GLU A 61 13.46 -5.77 -5.60
CA GLU A 61 12.82 -4.75 -4.75
C GLU A 61 13.39 -4.83 -3.35
N PRO A 62 13.62 -3.68 -2.70
CA PRO A 62 13.45 -2.28 -3.06
C PRO A 62 14.58 -1.76 -3.99
N GLY A 63 15.67 -2.53 -4.11
CA GLY A 63 16.67 -2.23 -5.13
C GLY A 63 17.53 -0.99 -4.85
N GLY A 64 17.54 -0.60 -3.60
CA GLY A 64 18.30 0.56 -3.20
C GLY A 64 17.64 1.93 -3.35
N VAL A 65 16.41 1.98 -3.76
CA VAL A 65 15.64 3.23 -3.85
C VAL A 65 15.39 3.70 -2.38
N PRO A 66 15.69 4.97 -2.04
CA PRO A 66 15.57 5.46 -0.67
C PRO A 66 14.35 5.10 0.14
N THR A 67 13.17 5.45 -0.36
CA THR A 67 11.91 5.18 0.35
C THR A 67 11.59 3.69 0.37
N GLY A 68 11.92 3.01 -0.72
CA GLY A 68 11.72 1.58 -0.77
C GLY A 68 12.50 0.90 0.31
N GLU A 69 13.72 1.40 0.57
CA GLU A 69 14.50 0.78 1.58
C GLU A 69 13.99 1.08 3.00
N GLU A 70 13.45 2.28 3.21
CA GLU A 70 12.88 2.65 4.53
C GLU A 70 11.71 1.75 4.82
N ILE A 71 10.85 1.55 3.81
CA ILE A 71 9.69 0.69 3.97
C ILE A 71 10.13 -0.73 4.36
N ARG A 72 11.17 -1.25 3.70
CA ARG A 72 11.62 -2.64 3.96
C ARG A 72 12.16 -2.87 5.38
N LYS A 73 12.72 -1.82 5.95
CA LYS A 73 13.28 -1.88 7.26
C LYS A 73 12.10 -2.00 8.26
N ILE A 74 10.93 -1.49 7.90
CA ILE A 74 9.74 -1.61 8.76
C ILE A 74 9.30 -3.07 8.75
N VAL A 75 9.31 -3.70 7.58
CA VAL A 75 8.99 -5.11 7.44
C VAL A 75 10.09 -6.01 8.03
N LEU A 76 11.11 -5.44 8.67
CA LEU A 76 12.17 -6.23 9.32
C LEU A 76 12.23 -5.90 10.81
N GLU A 77 12.53 -4.64 11.13
CA GLU A 77 12.60 -4.18 12.52
C GLU A 77 11.24 -4.28 13.21
N MET A 81 3.27 -8.00 12.92
CA MET A 81 2.59 -7.12 11.96
C MET A 81 1.47 -7.82 11.17
N ASP A 82 0.33 -7.17 11.09
CA ASP A 82 -0.81 -7.71 10.36
C ASP A 82 -0.50 -7.99 8.88
N ILE A 83 -1.03 -9.11 8.36
CA ILE A 83 -0.75 -9.53 6.97
C ILE A 83 -1.17 -8.51 5.92
N ARG A 84 -2.30 -7.81 6.13
CA ARG A 84 -2.70 -6.77 5.18
C ARG A 84 -1.72 -5.59 5.22
N THR A 85 -1.29 -5.20 6.40
CA THR A 85 -0.31 -4.16 6.51
C THR A 85 0.96 -4.52 5.75
N GLU A 86 1.42 -5.74 5.91
CA GLU A 86 2.63 -6.19 5.23
C GLU A 86 2.41 -6.15 3.75
N ALA A 87 1.24 -6.57 3.29
CA ALA A 87 0.95 -6.56 1.86
C ALA A 87 0.99 -5.13 1.29
N MET A 88 0.46 -4.15 2.03
CA MET A 88 0.50 -2.77 1.58
C MET A 88 1.90 -2.20 1.59
N LEU A 89 2.70 -2.59 2.57
CA LEU A 89 4.09 -2.14 2.56
C LEU A 89 4.93 -2.74 1.38
N PHE A 90 4.79 -4.03 1.09
CA PHE A 90 5.43 -4.58 -0.10
C PHE A 90 4.97 -3.84 -1.35
N ALA A 91 3.66 -3.60 -1.49
CA ALA A 91 3.16 -2.83 -2.64
C ALA A 91 3.72 -1.40 -2.77
N ALA A 92 3.91 -0.74 -1.65
CA ALA A 92 4.41 0.60 -1.68
C ALA A 92 5.93 0.59 -2.05
N SER A 93 6.67 -0.39 -1.55
CA SER A 93 8.12 -0.56 -1.88
C SER A 93 8.20 -0.92 -3.40
N ARG A 94 7.29 -1.72 -3.89
CA ARG A 94 7.26 -2.03 -5.29
C ARG A 94 7.06 -0.84 -6.17
N ARG A 95 6.18 0.09 -5.76
CA ARG A 95 5.90 1.22 -6.57
C ARG A 95 7.13 2.11 -6.61
N GLU A 96 7.75 2.27 -5.47
CA GLU A 96 8.97 3.14 -5.44
C GLU A 96 10.07 2.59 -6.38
N HIS A 97 10.36 1.29 -6.25
CA HIS A 97 11.30 0.65 -7.14
C HIS A 97 10.93 0.76 -8.61
N LEU A 98 9.64 0.56 -8.93
CA LEU A 98 9.20 0.67 -10.31
C LEU A 98 9.42 2.07 -10.90
N VAL A 99 8.93 3.08 -10.20
CA VAL A 99 8.94 4.43 -10.68
C VAL A 99 10.34 5.08 -10.68
N LEU A 100 11.13 4.78 -9.68
CA LEU A 100 12.45 5.41 -9.56
C LEU A 100 13.64 4.62 -10.09
N LYS A 101 13.45 3.33 -10.36
CA LYS A 101 14.52 2.51 -10.90
C LYS A 101 14.20 1.77 -12.21
N VAL A 102 13.12 0.99 -12.21
CA VAL A 102 12.76 0.16 -13.38
C VAL A 102 12.37 0.99 -14.60
N ILE A 103 11.41 1.88 -14.43
CA ILE A 103 10.93 2.72 -15.55
C ILE A 103 12.06 3.59 -16.14
N PRO A 104 12.87 4.22 -15.28
CA PRO A 104 13.95 4.96 -15.92
C PRO A 104 14.89 4.07 -16.75
N ALA A 105 15.17 2.85 -16.27
CA ALA A 105 16.08 1.99 -16.98
C ALA A 105 15.42 1.55 -18.28
N LEU A 106 14.14 1.28 -18.24
CA LEU A 106 13.44 0.90 -19.47
C LEU A 106 13.50 2.06 -20.47
N LYS A 107 13.25 3.28 -19.99
CA LYS A 107 13.36 4.48 -20.84
C LYS A 107 14.74 4.65 -21.49
N GLU A 108 15.79 4.20 -20.84
CA GLU A 108 17.14 4.27 -21.38
C GLU A 108 17.57 3.10 -22.27
N GLY A 109 16.63 2.22 -22.60
CA GLY A 109 16.91 1.10 -23.49
C GLY A 109 17.43 -0.18 -22.87
N LYS A 110 17.26 -0.35 -21.56
CA LYS A 110 17.81 -1.52 -20.92
C LYS A 110 16.88 -2.73 -20.80
N VAL A 111 17.53 -3.90 -20.73
CA VAL A 111 16.87 -5.14 -20.40
C VAL A 111 16.96 -5.13 -18.88
N VAL A 112 15.83 -5.11 -18.24
CA VAL A 112 15.78 -5.11 -16.77
C VAL A 112 15.44 -6.51 -16.26
N LEU A 113 16.38 -7.13 -15.52
CA LEU A 113 16.15 -8.46 -14.93
C LEU A 113 15.74 -8.21 -13.45
N CYS A 114 14.52 -8.60 -13.11
CA CYS A 114 13.95 -8.34 -11.76
C CYS A 114 13.57 -9.60 -11.01
N ASP A 115 14.18 -9.78 -9.86
CA ASP A 115 13.99 -10.89 -8.98
C ASP A 115 12.76 -10.62 -8.11
N ARG A 116 11.64 -11.23 -8.49
CA ARG A 116 10.36 -11.07 -7.83
C ARG A 116 9.61 -9.82 -8.31
N TYR A 117 8.29 -9.92 -8.34
CA TYR A 117 7.44 -8.81 -8.67
C TYR A 117 6.02 -9.16 -8.23
N ILE A 118 5.02 -8.69 -8.93
CA ILE A 118 3.70 -8.83 -8.46
C ILE A 118 3.27 -10.29 -8.18
N ASP A 119 3.74 -11.25 -8.99
CA ASP A 119 3.28 -12.64 -8.81
C ASP A 119 3.71 -13.18 -7.45
N SER A 120 4.82 -12.71 -6.92
CA SER A 120 5.23 -13.17 -5.60
C SER A 120 4.22 -12.74 -4.53
N SER A 121 3.76 -11.50 -4.60
CA SER A 121 2.74 -11.01 -3.68
C SER A 121 1.46 -11.85 -3.86
N LEU A 122 1.10 -12.19 -5.06
CA LEU A 122 -0.12 -13.02 -5.27
C LEU A 122 0.04 -14.43 -4.67
N ALA A 123 1.21 -15.04 -4.86
CA ALA A 123 1.42 -16.43 -4.36
C ALA A 123 1.58 -16.44 -2.88
N TYR A 124 2.41 -15.54 -2.32
CA TYR A 124 2.67 -15.56 -0.90
C TYR A 124 1.63 -14.88 -0.03
N GLN A 125 1.31 -13.62 -0.34
CA GLN A 125 0.35 -12.89 0.43
C GLN A 125 -1.08 -13.24 0.08
N GLY A 126 -1.36 -13.25 -1.19
CA GLY A 126 -2.71 -13.59 -1.61
C GLY A 126 -3.16 -15.02 -1.33
N TYR A 127 -2.43 -15.97 -1.86
CA TYR A 127 -2.82 -17.36 -1.74
C TYR A 127 -2.30 -18.02 -0.42
N ALA A 128 -1.00 -18.01 -0.18
CA ALA A 128 -0.49 -18.74 0.96
C ALA A 128 -0.88 -18.20 2.32
N ARG A 129 -0.77 -16.88 2.50
CA ARG A 129 -1.16 -16.22 3.71
C ARG A 129 -2.67 -16.06 3.77
N GLY A 130 -3.35 -16.37 2.67
CA GLY A 130 -4.77 -16.33 2.66
C GLY A 130 -5.53 -15.03 2.58
N ILE A 131 -4.89 -13.94 2.17
CA ILE A 131 -5.63 -12.68 1.98
C ILE A 131 -6.67 -12.76 0.87
N GLY A 132 -6.36 -13.51 -0.19
CA GLY A 132 -7.21 -13.62 -1.38
C GLY A 132 -6.37 -13.11 -2.56
N VAL A 133 -6.20 -13.93 -3.57
CA VAL A 133 -5.35 -13.53 -4.70
C VAL A 133 -5.92 -12.28 -5.37
N GLU A 134 -7.23 -12.25 -5.58
CA GLU A 134 -7.82 -11.10 -6.26
C GLU A 134 -7.71 -9.76 -5.47
N GLU A 135 -7.83 -9.79 -4.15
CA GLU A 135 -7.66 -8.59 -3.34
C GLU A 135 -6.23 -8.11 -3.41
N VAL A 136 -5.27 -9.03 -3.37
CA VAL A 136 -3.85 -8.62 -3.44
C VAL A 136 -3.49 -8.16 -4.86
N ARG A 137 -4.16 -8.71 -5.90
CA ARG A 137 -3.90 -8.29 -7.27
C ARG A 137 -4.41 -6.85 -7.40
N ALA A 138 -5.61 -6.58 -6.88
CA ALA A 138 -6.18 -5.23 -6.97
C ALA A 138 -5.31 -4.17 -6.27
N LEU A 139 -4.82 -4.49 -5.10
CA LEU A 139 -3.88 -3.63 -4.38
C LEU A 139 -2.60 -3.37 -5.18
N ASN A 140 -2.04 -4.44 -5.72
CA ASN A 140 -0.87 -4.32 -6.53
C ASN A 140 -1.11 -3.58 -7.85
N GLU A 141 -2.27 -3.73 -8.49
CA GLU A 141 -2.50 -2.92 -9.70
C GLU A 141 -2.53 -1.39 -9.37
N PHE A 142 -2.91 -1.03 -8.16
CA PHE A 142 -2.89 0.37 -7.76
C PHE A 142 -1.40 0.80 -7.70
N ALA A 143 -0.54 -0.09 -7.24
CA ALA A 143 0.89 0.21 -7.10
C ALA A 143 1.62 0.21 -8.43
N ILE A 144 1.26 -0.69 -9.35
CA ILE A 144 1.96 -0.78 -10.63
C ILE A 144 1.32 -0.04 -11.81
N ASN A 145 0.06 0.35 -11.64
CA ASN A 145 -0.72 1.10 -12.58
C ASN A 145 -0.71 0.36 -13.93
N GLY A 146 -0.98 -0.93 -13.92
CA GLY A 146 -0.96 -1.78 -15.14
C GLY A 146 0.36 -2.14 -15.83
N LEU A 147 1.50 -1.85 -15.21
CA LEU A 147 2.76 -2.15 -15.84
C LEU A 147 3.21 -3.57 -15.52
N TYR A 148 2.76 -4.52 -16.30
CA TYR A 148 3.14 -5.92 -16.08
C TYR A 148 4.45 -6.20 -16.84
N PRO A 149 5.20 -7.21 -16.45
CA PRO A 149 6.46 -7.57 -17.13
C PRO A 149 6.23 -8.01 -18.54
N ASP A 150 7.24 -7.90 -19.38
CA ASP A 150 7.11 -8.34 -20.76
C ASP A 150 7.22 -9.86 -20.83
N LEU A 151 8.00 -10.39 -19.92
CA LEU A 151 8.29 -11.83 -19.82
C LEU A 151 8.51 -12.14 -18.36
N THR A 152 7.97 -13.26 -17.89
CA THR A 152 8.19 -13.71 -16.54
C THR A 152 8.64 -15.19 -16.56
N ILE A 153 9.83 -15.46 -16.05
CA ILE A 153 10.33 -16.83 -15.96
C ILE A 153 9.89 -17.41 -14.63
N TYR A 154 9.17 -18.52 -14.71
CA TYR A 154 8.78 -19.26 -13.49
C TYR A 154 9.66 -20.49 -13.37
N LEU A 155 10.46 -20.53 -12.33
CA LEU A 155 11.35 -21.64 -11.98
C LEU A 155 10.49 -22.70 -11.24
N ASN A 156 10.03 -23.65 -12.03
CA ASN A 156 9.10 -24.69 -11.59
C ASN A 156 9.81 -25.82 -10.90
N VAL A 157 9.92 -25.70 -9.59
CA VAL A 157 10.57 -26.73 -8.78
C VAL A 157 9.49 -27.42 -7.99
N SER A 158 9.62 -28.74 -7.85
N SER A 158 9.67 -28.73 -7.81
CA SER A 158 8.66 -29.52 -7.06
CA SER A 158 8.75 -29.53 -7.02
C SER A 158 8.97 -29.26 -5.59
C SER A 158 8.98 -29.20 -5.57
N ALA A 159 7.96 -29.35 -4.74
CA ALA A 159 8.13 -29.15 -3.31
C ALA A 159 9.27 -29.99 -2.74
N GLU A 160 9.37 -31.24 -3.19
CA GLU A 160 10.37 -32.17 -2.63
C GLU A 160 11.80 -31.84 -3.04
N VAL A 161 11.98 -31.51 -4.31
CA VAL A 161 13.29 -31.14 -4.77
C VAL A 161 13.69 -29.83 -4.11
N GLY A 162 12.76 -28.87 -4.05
CA GLY A 162 12.98 -27.59 -3.38
C GLY A 162 13.39 -27.78 -1.94
N ARG A 163 12.67 -28.67 -1.26
CA ARG A 163 12.96 -29.04 0.10
C ARG A 163 14.41 -29.53 0.23
N GLU A 164 14.81 -30.51 -0.58
CA GLU A 164 16.17 -31.01 -0.51
C GLU A 164 17.22 -29.91 -0.79
N ARG A 165 16.96 -28.98 -1.72
CA ARG A 165 17.89 -27.87 -2.02
C ARG A 165 18.05 -26.91 -0.87
N ILE A 166 16.94 -26.62 -0.18
CA ILE A 166 16.96 -25.70 0.96
C ILE A 166 17.84 -26.31 2.08
N ILE A 167 17.63 -27.59 2.38
CA ILE A 167 18.42 -28.28 3.42
C ILE A 167 19.90 -28.29 3.03
N LYS A 168 20.20 -28.69 1.78
CA LYS A 168 21.58 -28.69 1.26
C LYS A 168 22.34 -27.40 1.59
N ASN A 169 21.75 -26.27 1.20
CA ASN A 169 22.34 -24.94 1.37
C ASN A 169 22.07 -24.30 2.73
N ARG A 175 16.63 -30.67 8.63
CA ARG A 175 15.36 -30.56 7.93
C ARG A 175 14.65 -29.25 8.25
N LEU A 176 13.50 -29.07 7.59
CA LEU A 176 12.64 -27.90 7.77
C LEU A 176 11.56 -28.21 8.82
N ASP A 177 11.15 -27.23 9.62
CA ASP A 177 10.09 -27.53 10.57
C ASP A 177 8.76 -27.68 9.81
N GLN A 178 7.78 -28.25 10.48
CA GLN A 178 6.51 -28.51 9.84
C GLN A 178 5.83 -27.31 9.29
N GLU A 179 5.79 -26.24 10.04
CA GLU A 179 5.17 -25.02 9.57
C GLU A 179 5.82 -24.58 8.26
N ASP A 180 7.14 -24.60 8.20
CA ASP A 180 7.81 -24.20 6.97
C ASP A 180 7.52 -25.11 5.79
N LEU A 181 7.61 -26.42 6.02
CA LEU A 181 7.36 -27.38 4.98
C LEU A 181 5.95 -27.15 4.44
N LYS A 182 4.96 -27.01 5.32
CA LYS A 182 3.56 -26.77 4.84
C LYS A 182 3.40 -25.47 4.08
N PHE A 183 4.04 -24.41 4.54
CA PHE A 183 3.93 -23.14 3.87
C PHE A 183 4.58 -23.20 2.47
N HIS A 184 5.73 -23.87 2.36
CA HIS A 184 6.45 -24.04 1.09
C HIS A 184 5.55 -24.75 0.10
N GLU A 185 4.81 -25.75 0.57
CA GLU A 185 3.86 -26.47 -0.29
C GLU A 185 2.70 -25.57 -0.77
N LYS A 186 2.20 -24.75 0.14
CA LYS A 186 1.07 -23.86 -0.15
C LYS A 186 1.49 -22.76 -1.13
N VAL A 187 2.71 -22.24 -0.99
CA VAL A 187 3.26 -21.25 -1.97
C VAL A 187 3.31 -21.89 -3.36
N ILE A 188 3.81 -23.12 -3.47
CA ILE A 188 3.83 -23.83 -4.79
C ILE A 188 2.42 -24.01 -5.38
N GLU A 189 1.47 -24.41 -4.57
CA GLU A 189 0.10 -24.56 -4.97
C GLU A 189 -0.41 -23.19 -5.50
N GLY A 190 -0.07 -22.12 -4.79
CA GLY A 190 -0.50 -20.76 -5.17
C GLY A 190 0.07 -20.38 -6.55
N TYR A 191 1.38 -20.53 -6.71
CA TYR A 191 2.01 -20.27 -8.00
C TYR A 191 1.39 -21.09 -9.12
N GLN A 192 1.11 -22.36 -8.89
CA GLN A 192 0.52 -23.22 -9.94
C GLN A 192 -0.85 -22.69 -10.37
N GLU A 193 -1.57 -22.07 -9.45
CA GLU A 193 -2.84 -21.45 -9.78
C GLU A 193 -2.62 -20.11 -10.50
N ILE A 194 -1.70 -19.29 -10.00
CA ILE A 194 -1.48 -17.96 -10.58
C ILE A 194 -0.88 -17.90 -11.97
N ILE A 195 -0.07 -18.89 -12.32
CA ILE A 195 0.60 -18.88 -13.60
C ILE A 195 -0.19 -19.56 -14.73
N HIS A 196 -1.19 -20.33 -14.35
CA HIS A 196 -2.00 -21.13 -15.28
C HIS A 196 -2.68 -20.22 -16.27
N ASN A 197 -2.56 -20.55 -17.53
CA ASN A 197 -3.11 -19.74 -18.57
C ASN A 197 -2.64 -18.28 -18.50
N GLU A 198 -1.30 -18.10 -18.34
CA GLU A 198 -0.74 -16.81 -18.38
C GLU A 198 0.41 -16.77 -19.41
N SER A 199 0.29 -17.52 -20.49
CA SER A 199 1.34 -17.59 -21.51
C SER A 199 1.61 -16.32 -22.32
N GLN A 200 0.86 -15.26 -22.09
CA GLN A 200 1.09 -14.03 -22.80
C GLN A 200 2.42 -13.47 -22.21
N ARG A 201 2.75 -13.79 -20.95
CA ARG A 201 4.06 -13.38 -20.38
C ARG A 201 4.82 -14.46 -19.70
N PHE A 202 4.14 -15.47 -19.12
CA PHE A 202 4.88 -16.53 -18.47
C PHE A 202 5.52 -17.60 -19.32
N LYS A 203 6.75 -17.97 -18.94
CA LYS A 203 7.46 -19.10 -19.52
C LYS A 203 8.01 -19.94 -18.33
N SER A 204 7.71 -21.25 -18.29
CA SER A 204 8.22 -22.10 -17.19
C SER A 204 9.49 -22.81 -17.56
N VAL A 205 10.37 -22.91 -16.60
CA VAL A 205 11.62 -23.66 -16.77
C VAL A 205 11.59 -24.75 -15.70
N ASN A 206 11.95 -25.98 -16.11
CA ASN A 206 12.01 -27.12 -15.17
C ASN A 206 13.17 -26.91 -14.19
N ALA A 207 12.80 -26.52 -12.98
CA ALA A 207 13.79 -26.20 -11.97
C ALA A 207 14.20 -27.40 -11.11
N ASP A 208 13.65 -28.56 -11.44
CA ASP A 208 14.04 -29.82 -10.80
C ASP A 208 15.38 -30.41 -11.35
N GLN A 209 15.80 -29.96 -12.52
CA GLN A 209 17.06 -30.40 -13.13
C GLN A 209 18.21 -29.77 -12.35
N PRO A 210 19.46 -30.22 -12.60
CA PRO A 210 20.61 -29.56 -11.94
C PRO A 210 20.63 -28.10 -12.35
N LEU A 211 21.22 -27.22 -11.52
CA LEU A 211 21.18 -25.78 -11.78
C LEU A 211 21.83 -25.35 -13.07
N GLU A 212 22.91 -26.06 -13.43
CA GLU A 212 23.59 -25.80 -14.68
C GLU A 212 22.57 -25.80 -15.83
N ASN A 213 21.70 -26.81 -15.85
CA ASN A 213 20.69 -26.90 -16.88
C ASN A 213 19.58 -25.88 -16.70
N VAL A 214 19.26 -25.52 -15.45
CA VAL A 214 18.19 -24.56 -15.25
C VAL A 214 18.68 -23.22 -15.81
N VAL A 215 19.94 -22.86 -15.52
CA VAL A 215 20.54 -21.64 -16.05
C VAL A 215 20.53 -21.63 -17.55
N GLU A 216 20.87 -22.77 -18.17
CA GLU A 216 20.90 -22.89 -19.60
C GLU A 216 19.50 -22.69 -20.20
N ASP A 217 18.52 -23.44 -19.73
CA ASP A 217 17.15 -23.33 -20.27
C ASP A 217 16.59 -21.89 -20.08
N THR A 218 16.88 -21.29 -18.94
CA THR A 218 16.41 -19.92 -18.68
C THR A 218 17.03 -18.95 -19.70
N TYR A 219 18.34 -19.03 -19.85
CA TYR A 219 19.07 -18.18 -20.78
C TYR A 219 18.50 -18.37 -22.15
N GLN A 220 18.32 -19.61 -22.58
CA GLN A 220 17.82 -19.83 -23.93
C GLN A 220 16.41 -19.28 -24.12
N THR A 221 15.59 -19.33 -23.07
CA THR A 221 14.23 -18.82 -23.11
C THR A 221 14.22 -17.31 -23.30
N ILE A 222 15.12 -16.64 -22.60
CA ILE A 222 15.22 -15.18 -22.71
C ILE A 222 15.78 -14.74 -24.08
N ILE A 223 16.83 -15.40 -24.57
CA ILE A 223 17.38 -14.98 -25.86
C ILE A 223 16.40 -15.25 -26.97
N LYS A 224 15.55 -16.27 -26.84
CA LYS A 224 14.51 -16.50 -27.88
C LYS A 224 13.50 -15.33 -27.85
N TYR A 225 13.12 -14.94 -26.64
CA TYR A 225 12.19 -13.82 -26.48
C TYR A 225 12.79 -12.52 -27.04
N LEU A 226 14.02 -12.24 -26.69
CA LEU A 226 14.67 -11.00 -27.11
C LEU A 226 15.05 -10.95 -28.59
N GLU A 227 15.18 -12.09 -29.27
CA GLU A 227 15.60 -12.01 -30.69
C GLU A 227 14.47 -11.71 -31.68
N LYS A 228 13.26 -11.39 -31.18
CA LYS A 228 12.10 -11.02 -32.03
C LYS A 228 11.70 -9.54 -31.84
N SER B 26 -20.82 0.70 22.29
CA SER B 26 -19.63 1.33 21.63
C SER B 26 -20.01 2.23 20.46
N ALA B 27 -19.07 3.06 20.04
CA ALA B 27 -19.29 3.99 18.92
C ALA B 27 -17.97 4.39 18.26
N PHE B 28 -17.95 4.36 16.94
CA PHE B 28 -16.76 4.75 16.16
C PHE B 28 -17.11 6.05 15.48
N ILE B 29 -16.61 7.14 16.05
CA ILE B 29 -16.88 8.47 15.52
C ILE B 29 -15.63 9.09 14.95
N THR B 30 -15.68 9.47 13.68
CA THR B 30 -14.57 10.13 13.06
C THR B 30 -14.85 11.61 12.83
N PHE B 31 -13.75 12.37 12.78
CA PHE B 31 -13.74 13.82 12.56
C PHE B 31 -12.92 14.10 11.32
N GLU B 32 -13.54 14.86 10.41
CA GLU B 32 -12.95 15.25 9.15
C GLU B 32 -13.07 16.76 8.98
N GLY B 33 -12.18 17.31 8.17
CA GLY B 33 -12.17 18.75 7.87
C GLY B 33 -10.90 19.15 7.15
N PRO B 34 -10.92 20.30 6.50
CA PRO B 34 -9.71 20.79 5.84
C PRO B 34 -8.83 21.51 6.85
N GLU B 35 -7.73 22.08 6.40
CA GLU B 35 -6.90 22.82 7.35
C GLU B 35 -7.70 24.10 7.76
N GLY B 36 -7.57 24.52 9.02
CA GLY B 36 -8.24 25.72 9.54
C GLY B 36 -9.68 25.53 9.96
N SER B 37 -10.09 24.28 10.13
CA SER B 37 -11.47 23.98 10.50
C SER B 37 -11.65 23.95 12.02
N GLY B 38 -10.53 23.98 12.76
CA GLY B 38 -10.53 23.92 14.22
C GLY B 38 -10.69 22.49 14.73
N LYS B 39 -10.60 21.50 13.81
CA LYS B 39 -10.81 20.08 14.15
C LYS B 39 -10.07 19.61 15.40
N THR B 40 -8.78 19.92 15.48
CA THR B 40 -7.97 19.52 16.63
C THR B 40 -8.57 19.96 17.96
N THR B 41 -8.79 21.27 18.11
CA THR B 41 -9.33 21.82 19.34
C THR B 41 -10.74 21.28 19.59
N VAL B 42 -11.54 21.17 18.54
CA VAL B 42 -12.92 20.70 18.68
C VAL B 42 -12.98 19.30 19.26
N ILE B 43 -12.21 18.38 18.69
CA ILE B 43 -12.19 17.00 19.19
C ILE B 43 -11.77 17.00 20.68
N ASN B 44 -10.75 17.78 21.02
CA ASN B 44 -10.25 17.78 22.38
C ASN B 44 -11.27 18.34 23.38
N GLU B 45 -11.96 19.42 23.02
CA GLU B 45 -12.96 19.98 23.92
C GLU B 45 -14.20 19.09 23.95
N VAL B 46 -14.63 18.52 22.83
CA VAL B 46 -15.79 17.61 22.89
C VAL B 46 -15.48 16.36 23.75
N TYR B 47 -14.25 15.84 23.65
CA TYR B 47 -13.85 14.68 24.46
C TYR B 47 -14.12 14.92 25.94
N HIS B 48 -13.55 16.00 26.48
CA HIS B 48 -13.73 16.31 27.90
C HIS B 48 -15.17 16.40 28.33
N ARG B 49 -16.07 16.85 27.47
CA ARG B 49 -17.48 16.94 27.86
C ARG B 49 -18.16 15.57 27.89
N LEU B 50 -17.91 14.73 26.88
CA LEU B 50 -18.49 13.39 26.80
C LEU B 50 -17.99 12.42 27.88
N VAL B 51 -16.80 12.70 28.43
CA VAL B 51 -16.19 11.88 29.49
C VAL B 51 -17.14 11.67 30.68
N LYS B 52 -17.91 12.70 30.99
CA LYS B 52 -18.84 12.65 32.10
C LYS B 52 -19.89 11.57 31.90
N ASP B 53 -20.43 11.49 30.70
CA ASP B 53 -21.51 10.57 30.38
C ASP B 53 -21.13 9.26 29.69
N TYR B 54 -19.92 9.19 29.16
CA TYR B 54 -19.52 7.98 28.44
C TYR B 54 -18.12 7.47 28.67
N ASP B 55 -17.94 6.20 28.33
CA ASP B 55 -16.66 5.55 28.38
C ASP B 55 -16.12 5.88 26.99
N VAL B 56 -15.34 6.96 26.91
CA VAL B 56 -14.80 7.45 25.64
C VAL B 56 -13.27 7.60 25.63
N ILE B 57 -12.70 7.53 24.42
CA ILE B 57 -11.27 7.77 24.25
C ILE B 57 -11.13 8.61 22.97
N MET B 58 -10.02 9.32 22.90
CA MET B 58 -9.67 10.21 21.82
C MET B 58 -8.43 9.63 21.18
N THR B 59 -8.36 9.64 19.84
CA THR B 59 -7.20 9.09 19.16
C THR B 59 -7.04 9.76 17.76
N ARG B 60 -5.87 9.55 17.18
CA ARG B 60 -5.49 10.09 15.86
C ARG B 60 -4.47 9.13 15.31
N GLU B 61 -4.58 8.76 14.04
CA GLU B 61 -3.60 7.85 13.44
C GLU B 61 -2.24 8.54 13.44
N PRO B 62 -1.16 7.81 13.77
CA PRO B 62 -1.11 6.39 14.12
C PRO B 62 -1.40 6.12 15.61
N GLY B 63 -1.53 7.18 16.40
CA GLY B 63 -1.93 7.07 17.82
C GLY B 63 -1.08 6.28 18.78
N GLY B 64 0.24 6.32 18.61
CA GLY B 64 1.13 5.60 19.52
C GLY B 64 1.49 4.19 19.11
N VAL B 65 0.77 3.61 18.14
CA VAL B 65 1.09 2.26 17.69
C VAL B 65 2.46 2.34 17.04
N PRO B 66 3.46 1.61 17.55
CA PRO B 66 4.83 1.74 17.00
C PRO B 66 5.02 1.51 15.51
N THR B 67 4.38 0.46 15.00
CA THR B 67 4.45 0.14 13.59
C THR B 67 3.81 1.26 12.75
N GLY B 68 2.65 1.75 13.19
CA GLY B 68 1.94 2.85 12.51
C GLY B 68 2.79 4.11 12.57
N GLU B 69 3.45 4.32 13.70
CA GLU B 69 4.33 5.46 13.87
C GLU B 69 5.50 5.42 12.89
N GLU B 70 6.13 4.25 12.75
CA GLU B 70 7.25 4.11 11.83
C GLU B 70 6.83 4.38 10.40
N ILE B 71 5.64 3.93 10.02
CA ILE B 71 5.13 4.17 8.68
C ILE B 71 4.87 5.67 8.45
N ARG B 72 4.16 6.31 9.38
CA ARG B 72 3.84 7.74 9.26
C ARG B 72 5.10 8.58 9.18
N LYS B 73 6.15 8.14 9.89
CA LYS B 73 7.41 8.85 9.89
C LYS B 73 8.01 8.88 8.48
N ILE B 74 7.82 7.83 7.70
CA ILE B 74 8.34 7.82 6.34
C ILE B 74 7.63 8.91 5.53
N VAL B 75 6.33 9.08 5.80
CA VAL B 75 5.51 10.10 5.12
C VAL B 75 5.91 11.49 5.59
N LEU B 76 6.10 11.67 6.90
CA LEU B 76 6.49 12.97 7.48
C LEU B 76 7.83 13.47 6.97
N GLU B 77 8.80 12.57 6.79
CA GLU B 77 10.14 12.98 6.37
C GLU B 77 10.37 13.19 4.87
N GLY B 78 10.06 12.20 4.03
CA GLY B 78 10.28 12.37 2.58
C GLY B 78 9.40 13.45 1.96
N ASN B 79 9.86 14.05 0.87
CA ASN B 79 9.05 15.06 0.15
C ASN B 79 9.09 14.88 -1.38
N ASP B 80 8.02 15.36 -2.04
CA ASP B 80 7.79 15.17 -3.46
C ASP B 80 7.65 13.69 -3.69
N MET B 81 7.24 13.01 -2.62
CA MET B 81 7.03 11.56 -2.64
C MET B 81 5.92 11.24 -3.60
N ASP B 82 6.11 10.17 -4.35
CA ASP B 82 5.08 9.72 -5.29
C ASP B 82 3.77 9.64 -4.55
N ILE B 83 2.74 10.29 -5.11
CA ILE B 83 1.44 10.35 -4.45
C ILE B 83 0.78 8.98 -4.23
N ARG B 84 0.98 7.97 -5.09
CA ARG B 84 0.35 6.65 -4.80
C ARG B 84 1.06 5.93 -3.62
N THR B 85 2.38 6.09 -3.56
CA THR B 85 3.14 5.53 -2.49
C THR B 85 2.63 6.14 -1.20
N GLU B 86 2.53 7.46 -1.19
CA GLU B 86 2.04 8.21 -0.05
C GLU B 86 0.70 7.70 0.41
N ALA B 87 -0.18 7.43 -0.55
CA ALA B 87 -1.50 6.94 -0.26
C ALA B 87 -1.45 5.58 0.40
N MET B 88 -0.60 4.70 -0.14
CA MET B 88 -0.46 3.36 0.42
C MET B 88 0.08 3.42 1.85
N LEU B 89 1.03 4.30 2.11
CA LEU B 89 1.55 4.45 3.46
C LEU B 89 0.46 4.98 4.43
N PHE B 90 -0.37 5.92 3.98
CA PHE B 90 -1.46 6.37 4.85
C PHE B 90 -2.39 5.20 5.19
N ALA B 91 -2.70 4.40 4.18
CA ALA B 91 -3.56 3.22 4.31
C ALA B 91 -2.97 2.15 5.25
N ALA B 92 -1.65 1.94 5.17
CA ALA B 92 -0.98 1.00 6.02
C ALA B 92 -0.97 1.43 7.49
N SER B 93 -0.65 2.69 7.76
CA SER B 93 -0.65 3.21 9.12
C SER B 93 -2.10 3.14 9.67
N ARG B 94 -3.06 3.40 8.81
CA ARG B 94 -4.46 3.35 9.17
C ARG B 94 -4.84 1.97 9.65
N ARG B 95 -4.41 0.94 8.93
CA ARG B 95 -4.75 -0.40 9.33
C ARG B 95 -4.16 -0.76 10.67
N GLU B 96 -2.89 -0.47 10.89
CA GLU B 96 -2.25 -0.81 12.18
C GLU B 96 -3.00 -0.15 13.36
N HIS B 97 -3.33 1.14 13.20
CA HIS B 97 -4.07 1.88 14.21
C HIS B 97 -5.42 1.28 14.44
N LEU B 98 -6.07 0.87 13.35
CA LEU B 98 -7.39 0.31 13.46
C LEU B 98 -7.39 -1.02 14.20
N VAL B 99 -6.52 -1.92 13.79
CA VAL B 99 -6.47 -3.25 14.38
C VAL B 99 -5.89 -3.29 15.80
N LEU B 100 -4.88 -2.49 16.09
CA LEU B 100 -4.25 -2.51 17.39
C LEU B 100 -4.88 -1.54 18.39
N LYS B 101 -5.62 -0.54 17.95
CA LYS B 101 -6.18 0.39 18.93
C LYS B 101 -7.69 0.59 18.85
N VAL B 102 -8.19 0.88 17.67
CA VAL B 102 -9.63 1.11 17.51
C VAL B 102 -10.53 -0.11 17.76
N ILE B 103 -10.23 -1.23 17.10
CA ILE B 103 -11.05 -2.43 17.23
C ILE B 103 -11.10 -2.93 18.67
N PRO B 104 -9.95 -2.99 19.35
CA PRO B 104 -10.00 -3.43 20.74
C PRO B 104 -10.85 -2.50 21.62
N ALA B 105 -10.79 -1.20 21.34
CA ALA B 105 -11.56 -0.23 22.10
C ALA B 105 -13.07 -0.46 21.87
N LEU B 106 -13.45 -0.61 20.61
CA LEU B 106 -14.85 -0.89 20.31
C LEU B 106 -15.34 -2.20 20.99
N LYS B 107 -14.55 -3.27 20.97
CA LYS B 107 -14.99 -4.51 21.65
C LYS B 107 -15.14 -4.34 23.15
N GLU B 108 -14.48 -3.36 23.74
CA GLU B 108 -14.64 -3.08 25.17
C GLU B 108 -15.89 -2.26 25.43
N GLY B 109 -16.57 -1.83 24.37
CA GLY B 109 -17.78 -1.01 24.51
C GLY B 109 -17.52 0.48 24.63
N LYS B 110 -16.40 0.97 24.12
CA LYS B 110 -16.06 2.40 24.20
C LYS B 110 -16.52 3.25 23.01
N VAL B 111 -16.61 4.55 23.26
CA VAL B 111 -16.93 5.55 22.23
C VAL B 111 -15.56 6.01 21.76
N VAL B 112 -15.21 5.72 20.52
CA VAL B 112 -13.91 6.13 20.00
C VAL B 112 -14.05 7.39 19.14
N LEU B 113 -13.35 8.45 19.53
CA LEU B 113 -13.35 9.70 18.78
C LEU B 113 -12.03 9.72 17.99
N CYS B 114 -12.13 9.59 16.68
CA CYS B 114 -10.94 9.48 15.83
C CYS B 114 -10.77 10.68 14.92
N ASP B 115 -9.64 11.31 15.05
CA ASP B 115 -9.23 12.48 14.30
C ASP B 115 -8.64 12.09 12.93
N ARG B 116 -9.47 12.13 11.90
CA ARG B 116 -9.11 11.74 10.55
C ARG B 116 -9.32 10.22 10.42
N TYR B 117 -9.75 9.79 9.25
CA TYR B 117 -9.87 8.40 8.86
C TYR B 117 -9.90 8.32 7.33
N ILE B 118 -10.62 7.39 6.76
CA ILE B 118 -10.64 7.17 5.35
C ILE B 118 -10.99 8.39 4.53
N ASP B 119 -11.91 9.23 5.02
CA ASP B 119 -12.35 10.41 4.25
C ASP B 119 -11.21 11.36 3.95
N SER B 120 -10.24 11.43 4.87
CA SER B 120 -9.05 12.25 4.68
C SER B 120 -8.24 11.79 3.46
N SER B 121 -8.05 10.46 3.29
CA SER B 121 -7.34 9.98 2.13
C SER B 121 -8.16 10.25 0.89
N LEU B 122 -9.46 10.03 0.95
CA LEU B 122 -10.30 10.28 -0.21
C LEU B 122 -10.20 11.74 -0.69
N ALA B 123 -10.25 12.70 0.23
CA ALA B 123 -10.16 14.12 -0.11
C ALA B 123 -8.74 14.63 -0.48
N TYR B 124 -7.73 14.24 0.29
CA TYR B 124 -6.37 14.69 0.06
C TYR B 124 -5.67 13.91 -1.05
N GLN B 125 -5.59 12.60 -0.88
CA GLN B 125 -4.95 11.76 -1.88
C GLN B 125 -5.78 11.54 -3.12
N GLY B 126 -7.06 11.24 -2.97
CA GLY B 126 -7.90 10.96 -4.13
C GLY B 126 -8.32 12.15 -4.97
N TYR B 127 -8.92 13.15 -4.34
CA TYR B 127 -9.38 14.29 -5.10
C TYR B 127 -8.32 15.35 -5.29
N ALA B 128 -7.84 15.94 -4.21
CA ALA B 128 -6.90 17.06 -4.33
C ALA B 128 -5.59 16.73 -5.04
N ARG B 129 -4.98 15.60 -4.72
CA ARG B 129 -3.74 15.15 -5.40
C ARG B 129 -4.02 14.53 -6.74
N GLY B 130 -5.28 14.22 -7.03
CA GLY B 130 -5.67 13.71 -8.36
C GLY B 130 -5.49 12.25 -8.67
N ILE B 131 -5.25 11.42 -7.66
CA ILE B 131 -5.10 9.98 -7.92
C ILE B 131 -6.45 9.44 -8.43
N GLY B 132 -7.53 9.96 -7.88
CA GLY B 132 -8.89 9.50 -8.21
C GLY B 132 -9.54 8.96 -6.92
N VAL B 133 -10.72 9.47 -6.59
CA VAL B 133 -11.40 9.08 -5.35
C VAL B 133 -11.73 7.59 -5.31
N GLU B 134 -12.27 7.04 -6.38
CA GLU B 134 -12.61 5.63 -6.34
C GLU B 134 -11.39 4.72 -6.22
N GLU B 135 -10.25 5.09 -6.82
CA GLU B 135 -9.04 4.29 -6.72
C GLU B 135 -8.56 4.29 -5.28
N VAL B 136 -8.61 5.45 -4.64
CA VAL B 136 -8.17 5.55 -3.27
C VAL B 136 -9.17 4.86 -2.34
N ARG B 137 -10.44 4.87 -2.70
CA ARG B 137 -11.43 4.19 -1.87
C ARG B 137 -11.16 2.70 -1.85
N ALA B 138 -10.83 2.11 -3.01
CA ALA B 138 -10.57 0.66 -3.11
C ALA B 138 -9.31 0.26 -2.33
N LEU B 139 -8.28 1.09 -2.37
CA LEU B 139 -7.10 0.83 -1.59
C LEU B 139 -7.46 0.82 -0.09
N ASN B 140 -8.18 1.85 0.33
CA ASN B 140 -8.58 1.98 1.70
C ASN B 140 -9.53 0.88 2.21
N GLU B 141 -10.38 0.35 1.32
CA GLU B 141 -11.25 -0.74 1.72
C GLU B 141 -10.44 -2.01 2.00
N PHE B 142 -9.29 -2.15 1.35
CA PHE B 142 -8.44 -3.27 1.61
C PHE B 142 -7.87 -3.08 3.02
N ALA B 143 -7.50 -1.85 3.35
CA ALA B 143 -6.92 -1.55 4.64
C ALA B 143 -7.90 -1.63 5.81
N ILE B 144 -9.16 -1.23 5.60
CA ILE B 144 -10.15 -1.19 6.70
C ILE B 144 -11.16 -2.34 6.70
N ASN B 145 -11.08 -3.15 5.65
CA ASN B 145 -11.90 -4.32 5.48
C ASN B 145 -13.38 -3.99 5.77
N GLY B 146 -13.86 -2.89 5.23
CA GLY B 146 -15.25 -2.51 5.39
C GLY B 146 -15.65 -1.90 6.72
N LEU B 147 -14.70 -1.65 7.62
CA LEU B 147 -15.10 -1.02 8.90
C LEU B 147 -15.20 0.50 8.77
N TYR B 148 -16.38 0.96 8.37
CA TYR B 148 -16.65 2.39 8.25
C TYR B 148 -17.08 2.97 9.60
N PRO B 149 -16.89 4.27 9.81
CA PRO B 149 -17.34 4.82 11.10
C PRO B 149 -18.85 4.76 11.25
N ASP B 150 -19.30 4.80 12.51
CA ASP B 150 -20.73 4.83 12.84
C ASP B 150 -21.25 6.25 12.59
N LEU B 151 -20.37 7.22 12.75
CA LEU B 151 -20.71 8.64 12.55
C LEU B 151 -19.42 9.38 12.21
N THR B 152 -19.53 10.29 11.25
CA THR B 152 -18.44 11.14 10.81
C THR B 152 -18.91 12.60 10.87
N ILE B 153 -18.23 13.38 11.69
CA ILE B 153 -18.52 14.79 11.83
C ILE B 153 -17.64 15.53 10.82
N TYR B 154 -18.26 16.29 9.92
CA TYR B 154 -17.51 17.08 8.97
C TYR B 154 -17.55 18.54 9.40
N LEU B 155 -16.36 19.08 9.73
CA LEU B 155 -16.21 20.46 10.15
C LEU B 155 -16.10 21.31 8.88
N ASN B 156 -17.28 21.77 8.46
CA ASN B 156 -17.47 22.52 7.23
C ASN B 156 -17.05 23.96 7.38
N VAL B 157 -15.78 24.22 7.10
CA VAL B 157 -15.21 25.59 7.15
C VAL B 157 -15.04 26.09 5.71
N SER B 158 -15.28 27.39 5.48
CA SER B 158 -15.09 27.98 4.14
C SER B 158 -13.59 28.19 3.89
N ALA B 159 -13.19 28.16 2.63
CA ALA B 159 -11.77 28.33 2.29
C ALA B 159 -11.20 29.61 2.90
N GLU B 160 -12.00 30.67 2.85
CA GLU B 160 -11.58 32.00 3.33
C GLU B 160 -11.42 32.12 4.85
N VAL B 161 -12.35 31.55 5.59
CA VAL B 161 -12.27 31.54 7.03
C VAL B 161 -11.09 30.64 7.40
N GLY B 162 -10.97 29.49 6.74
CA GLY B 162 -9.86 28.57 7.04
C GLY B 162 -8.55 29.29 6.86
N ARG B 163 -8.45 29.95 5.73
CA ARG B 163 -7.28 30.71 5.40
C ARG B 163 -6.90 31.66 6.54
N GLU B 164 -7.87 32.47 6.97
CA GLU B 164 -7.61 33.40 8.05
C GLU B 164 -7.22 32.68 9.35
N ARG B 165 -7.81 31.52 9.63
CA ARG B 165 -7.46 30.78 10.84
C ARG B 165 -6.02 30.25 10.83
N ILE B 166 -5.56 29.83 9.65
CA ILE B 166 -4.21 29.30 9.45
C ILE B 166 -3.12 30.37 9.66
N ILE B 167 -3.38 31.57 9.16
CA ILE B 167 -2.43 32.68 9.28
C ILE B 167 -2.44 33.17 10.74
N LYS B 168 -3.63 33.21 11.34
CA LYS B 168 -3.81 33.62 12.73
C LYS B 168 -3.13 32.65 13.73
N ASN B 169 -2.75 31.45 13.26
CA ASN B 169 -2.09 30.42 14.08
C ASN B 169 -0.73 29.97 13.53
N LEU B 176 -0.12 33.60 3.16
CA LEU B 176 0.08 32.26 2.60
C LEU B 176 0.48 32.22 1.13
N ASP B 177 1.33 31.23 0.83
CA ASP B 177 1.83 30.94 -0.51
C ASP B 177 0.63 30.66 -1.44
N GLN B 178 0.76 30.97 -2.72
CA GLN B 178 -0.34 30.73 -3.67
C GLN B 178 -0.66 29.24 -3.91
N GLU B 179 0.36 28.40 -4.04
CA GLU B 179 0.13 26.95 -4.24
C GLU B 179 -0.71 26.37 -3.09
N ASP B 180 -0.37 26.76 -1.88
CA ASP B 180 -1.12 26.31 -0.70
C ASP B 180 -2.61 26.68 -0.78
N LEU B 181 -2.91 27.93 -1.15
CA LEU B 181 -4.29 28.39 -1.29
C LEU B 181 -5.09 27.53 -2.28
N LYS B 182 -4.50 27.22 -3.42
CA LYS B 182 -5.16 26.40 -4.43
C LYS B 182 -5.40 24.99 -3.92
N PHE B 183 -4.41 24.40 -3.26
CA PHE B 183 -4.58 23.04 -2.71
C PHE B 183 -5.69 22.99 -1.63
N HIS B 184 -5.69 23.98 -0.74
CA HIS B 184 -6.70 24.09 0.35
C HIS B 184 -8.06 24.12 -0.28
N GLU B 185 -8.24 24.88 -1.37
CA GLU B 185 -9.52 24.95 -2.07
C GLU B 185 -9.92 23.64 -2.70
N LYS B 186 -8.95 22.91 -3.28
CA LYS B 186 -9.25 21.59 -3.87
C LYS B 186 -9.67 20.57 -2.82
N VAL B 187 -9.04 20.61 -1.64
CA VAL B 187 -9.38 19.69 -0.54
C VAL B 187 -10.85 19.89 -0.14
N ILE B 188 -11.24 21.16 0.05
CA ILE B 188 -12.63 21.49 0.40
C ILE B 188 -13.55 21.03 -0.69
N GLU B 189 -13.16 21.24 -1.93
CA GLU B 189 -13.98 20.81 -3.06
C GLU B 189 -14.14 19.28 -3.08
N GLY B 190 -13.09 18.56 -2.70
CA GLY B 190 -13.15 17.11 -2.65
C GLY B 190 -14.07 16.65 -1.54
N TYR B 191 -13.95 17.25 -0.37
CA TYR B 191 -14.83 16.89 0.73
C TYR B 191 -16.31 17.11 0.35
N GLN B 192 -16.61 18.17 -0.40
CA GLN B 192 -18.02 18.47 -0.79
C GLN B 192 -18.60 17.41 -1.67
N GLU B 193 -17.83 16.96 -2.65
CA GLU B 193 -18.32 15.94 -3.58
C GLU B 193 -18.51 14.60 -2.86
N ILE B 194 -17.62 14.30 -1.92
CA ILE B 194 -17.67 13.07 -1.13
C ILE B 194 -18.89 13.03 -0.20
N ILE B 195 -19.17 14.16 0.43
CA ILE B 195 -20.32 14.30 1.34
C ILE B 195 -21.65 14.06 0.64
N HIS B 196 -21.79 14.62 -0.56
CA HIS B 196 -23.02 14.50 -1.33
C HIS B 196 -23.37 13.09 -1.73
N ASN B 197 -22.40 12.30 -2.19
CA ASN B 197 -22.67 10.92 -2.65
C ASN B 197 -23.13 9.98 -1.52
N GLU B 198 -22.50 10.06 -0.35
CA GLU B 198 -22.88 9.21 0.79
C GLU B 198 -23.26 10.12 1.95
N SER B 199 -24.25 10.98 1.75
CA SER B 199 -24.67 11.92 2.80
C SER B 199 -25.20 11.28 4.09
N GLN B 200 -25.61 10.01 4.06
CA GLN B 200 -26.13 9.35 5.26
C GLN B 200 -25.22 9.22 6.49
N ARG B 201 -23.93 8.92 6.33
CA ARG B 201 -23.08 8.77 7.52
C ARG B 201 -22.48 10.07 8.02
N PHE B 202 -22.53 11.10 7.19
CA PHE B 202 -21.96 12.38 7.55
C PHE B 202 -22.92 13.35 8.21
N LYS B 203 -22.39 14.11 9.16
CA LYS B 203 -23.16 15.17 9.77
C LYS B 203 -22.24 16.38 9.68
N SER B 204 -22.66 17.36 8.92
CA SER B 204 -21.86 18.54 8.73
C SER B 204 -22.13 19.55 9.85
N VAL B 205 -21.08 20.19 10.33
CA VAL B 205 -21.18 21.21 11.38
C VAL B 205 -20.63 22.50 10.77
N ASN B 206 -21.27 23.65 11.06
CA ASN B 206 -20.78 24.92 10.51
C ASN B 206 -19.55 25.35 11.29
N ALA B 207 -18.38 25.14 10.71
CA ALA B 207 -17.13 25.46 11.38
C ALA B 207 -16.63 26.88 11.08
N ASP B 208 -17.43 27.69 10.40
CA ASP B 208 -17.09 29.11 10.22
C ASP B 208 -17.43 29.92 11.48
N GLN B 209 -18.26 29.36 12.36
CA GLN B 209 -18.63 30.05 13.60
C GLN B 209 -17.43 30.09 14.54
N PRO B 210 -17.52 30.88 15.62
CA PRO B 210 -16.41 30.83 16.57
C PRO B 210 -16.31 29.42 17.15
N LEU B 211 -15.13 29.05 17.60
CA LEU B 211 -14.90 27.70 18.10
C LEU B 211 -15.82 27.23 19.23
N GLU B 212 -16.23 28.10 20.17
CA GLU B 212 -17.17 27.70 21.25
C GLU B 212 -18.45 27.09 20.68
N ASN B 213 -18.97 27.72 19.64
CA ASN B 213 -20.19 27.25 19.00
C ASN B 213 -19.95 25.98 18.19
N VAL B 214 -18.80 25.90 17.54
CA VAL B 214 -18.50 24.73 16.73
C VAL B 214 -18.46 23.54 17.68
N VAL B 215 -17.87 23.73 18.87
CA VAL B 215 -17.81 22.67 19.87
C VAL B 215 -19.23 22.28 20.34
N GLU B 216 -20.07 23.26 20.64
CA GLU B 216 -21.44 22.96 21.09
C GLU B 216 -22.27 22.23 20.02
N ASP B 217 -22.18 22.67 18.78
CA ASP B 217 -22.93 22.02 17.71
C ASP B 217 -22.40 20.56 17.48
N THR B 218 -21.10 20.36 17.66
CA THR B 218 -20.49 19.03 17.47
C THR B 218 -20.93 18.12 18.60
N TYR B 219 -20.81 18.61 19.84
CA TYR B 219 -21.24 17.87 21.01
C TYR B 219 -22.71 17.48 20.89
N GLN B 220 -23.57 18.43 20.53
CA GLN B 220 -24.99 18.12 20.39
C GLN B 220 -25.29 17.08 19.33
N THR B 221 -24.61 17.17 18.19
CA THR B 221 -24.76 16.20 17.10
C THR B 221 -24.41 14.80 17.62
N ILE B 222 -23.31 14.68 18.36
CA ILE B 222 -22.85 13.40 18.92
C ILE B 222 -23.78 12.85 19.98
N ILE B 223 -24.30 13.74 20.82
CA ILE B 223 -25.26 13.36 21.86
C ILE B 223 -26.53 12.79 21.26
N LYS B 224 -27.02 13.41 20.19
CA LYS B 224 -28.26 12.98 19.53
C LYS B 224 -28.10 11.61 18.91
N TYR B 225 -26.97 11.40 18.23
CA TYR B 225 -26.66 10.12 17.61
C TYR B 225 -26.60 9.03 18.65
N LEU B 226 -25.82 9.26 19.71
CA LEU B 226 -25.66 8.28 20.78
C LEU B 226 -26.94 7.87 21.52
N GLU B 227 -27.91 8.78 21.62
CA GLU B 227 -29.17 8.48 22.33
C GLU B 227 -30.33 7.88 21.54
N LYS B 228 -30.07 7.27 20.39
CA LYS B 228 -31.15 6.65 19.61
C LYS B 228 -30.69 5.38 18.89
P ATM C . 14.09 -13.91 -1.70
OP1 ATM C . 13.76 -14.10 -3.18
OP2 ATM C . 15.30 -13.08 -1.35
OP3 ATM C . 13.97 -15.20 -0.92
O5' ATM C . 12.90 -12.93 -1.16
C5' ATM C . 12.65 -12.72 0.22
C4' ATM C . 11.25 -13.24 0.59
O4' ATM C . 10.26 -12.20 0.62
C3' ATM C . 10.68 -14.33 -0.33
N3' ATM C . 10.94 -15.63 0.25
N4' ATM C . 12.00 -15.87 0.87
N5' ATM C . 12.22 -17.05 1.39
C2' ATM C . 9.17 -14.09 -0.39
C1' ATM C . 8.97 -12.74 0.27
N1 ATM C . 8.24 -11.80 -0.62
C2 ATM C . 6.82 -11.76 -0.47
O2 ATM C . 6.32 -12.49 0.39
N3 ATM C . 6.06 -10.91 -1.22
C4 ATM C . 6.63 -10.09 -2.15
O4 ATM C . 5.98 -9.28 -2.84
C5 ATM C . 8.07 -10.12 -2.33
C5A ATM C . 8.67 -9.19 -3.37
C6 ATM C . 8.84 -10.98 -1.53
P ATM D . -3.72 17.33 10.81
OP1 ATM D . -5.18 16.88 10.94
OP2 ATM D . -2.88 16.84 11.94
OP3 ATM D . -3.53 18.75 10.36
O5' ATM D . -3.22 16.39 9.57
C5' ATM D . -1.89 16.33 9.04
C4' ATM D . -2.06 16.26 7.53
O4' ATM D . -2.03 14.88 7.14
C3' ATM D . -3.39 16.76 7.02
N3' ATM D . -3.35 18.13 6.55
N4' ATM D . -4.40 18.82 6.69
N5' ATM D . -4.57 20.06 6.35
C2' ATM D . -3.73 15.90 5.83
C1' ATM D . -2.70 14.78 5.88
N1 ATM D . -3.40 13.50 5.72
C2 ATM D . -3.58 12.97 4.44
O2 ATM D . -3.11 13.56 3.43
N3 ATM D . -4.19 11.79 4.24
C4 ATM D . -4.69 11.08 5.27
O4 ATM D . -5.29 10.01 5.01
C5 ATM D . -4.57 11.64 6.61
C5A ATM D . -5.09 10.90 7.84
C6 ATM D . -3.88 12.84 6.79
#